data_5BSR
#
_entry.id   5BSR
#
_cell.length_a   69.898
_cell.length_b   82.092
_cell.length_c   97.130
_cell.angle_alpha   90.000
_cell.angle_beta   90.000
_cell.angle_gamma   90.000
#
_symmetry.space_group_name_H-M   'P 21 21 21'
#
loop_
_entity.id
_entity.type
_entity.pdbx_description
1 polymer '4-coumarate--CoA ligase 2'
2 non-polymer 'COENZYME A'
3 non-polymer 'ADENOSINE MONOPHOSPHATE'
4 non-polymer GLYCEROL
5 water water
#
_entity_poly.entity_id   1
_entity_poly.type   'polypeptide(L)'
_entity_poly.pdbx_seq_one_letter_code
;MEKDTKQVDIIFRSKLPDIYIPNHLPLHSYCFENISEFSSRPCLINGANKQIYTYADVELNSRKVAAGLHKQGIQPKDTI
MILLPNSPEFVFAFIGASYLGAISTMANPLFTPAEVVKQAKASSAKIIVTQACHVNKVKDYAFENDVKIICIDSAPEGCL
HFSVLTQANEHDIPEVEIQPDDVVALPYSSGTTGLPKGVMLTHKGLVTSVAQQVDGENPNLYIHSEDVMLCVLPLFHIYS
LNSVLLCGLRVGAAILIMQKFDIVSFLELIQRYKVTIGPFVPPIVLAIAKSPMVDDYDLSSVRTVMSGAAPLGKELEDTV
RAKFPNAKLGQGYGMTEAGPVLAMCLAFAKEPFEIKSGACGTVVRNAEMKIVDPKTGNSLPRNQSGEICIRGDQIMKGYL
NDPEATARTIDKEGWLYTGDIGYIDDDDELFIVDRLKELIKYKGFQVAPAELEALLLNHPNISDAAVVPMKDEQAGEVPV
AFVVRSNGSTITEDEVKDFISKQVIFYKRIKRVFFVDAIPKSPSGKILRKDLRAKLAAGLPN
;
_entity_poly.pdbx_strand_id   A
#
loop_
_chem_comp.id
_chem_comp.type
_chem_comp.name
_chem_comp.formula
AMP non-polymer 'ADENOSINE MONOPHOSPHATE' 'C10 H14 N5 O7 P'
COA non-polymer 'COENZYME A' 'C21 H36 N7 O16 P3 S'
GOL non-polymer GLYCEROL 'C3 H8 O3'
#
# COMPACT_ATOMS: atom_id res chain seq x y z
N ASP A 9 -3.93 -28.66 -11.36
CA ASP A 9 -2.97 -27.63 -10.88
C ASP A 9 -2.05 -28.17 -9.77
N ILE A 10 -0.79 -27.77 -9.83
CA ILE A 10 0.14 -27.96 -8.73
C ILE A 10 -0.07 -26.78 -7.78
N ILE A 11 -0.59 -27.06 -6.59
CA ILE A 11 -0.99 -26.01 -5.66
C ILE A 11 -0.13 -26.02 -4.41
N PHE A 12 0.35 -24.84 -4.03
CA PHE A 12 1.16 -24.65 -2.84
C PHE A 12 0.37 -23.97 -1.74
N ARG A 13 0.67 -24.36 -0.50
CA ARG A 13 0.00 -23.80 0.68
C ARG A 13 1.02 -23.51 1.77
N SER A 14 0.55 -22.87 2.84
CA SER A 14 1.40 -22.49 3.97
C SER A 14 1.92 -23.72 4.71
N LYS A 15 3.07 -23.56 5.36
CA LYS A 15 3.56 -24.56 6.31
C LYS A 15 2.79 -24.50 7.62
N LEU A 16 2.03 -23.42 7.82
CA LEU A 16 1.13 -23.26 8.96
C LEU A 16 -0.23 -23.87 8.63
N PRO A 17 -0.95 -24.40 9.65
CA PRO A 17 -2.29 -24.92 9.36
C PRO A 17 -3.31 -23.81 9.11
N ASP A 18 -4.41 -24.14 8.43
CA ASP A 18 -5.54 -23.23 8.30
C ASP A 18 -6.14 -22.93 9.68
N ILE A 19 -6.64 -21.72 9.85
CA ILE A 19 -7.28 -21.30 11.11
C ILE A 19 -8.72 -20.85 10.90
N TYR A 20 -9.49 -20.81 11.99
CA TYR A 20 -10.78 -20.15 11.97
C TYR A 20 -10.58 -18.65 11.79
N ILE A 21 -11.34 -18.07 10.86
CA ILE A 21 -11.34 -16.63 10.62
C ILE A 21 -12.78 -16.12 10.70
N PRO A 22 -13.06 -15.18 11.62
CA PRO A 22 -14.41 -14.62 11.79
C PRO A 22 -14.70 -13.57 10.72
N ASN A 23 -14.67 -14.01 9.46
CA ASN A 23 -14.80 -13.12 8.29
C ASN A 23 -16.20 -12.55 8.07
N HIS A 24 -17.13 -12.90 8.98
CA HIS A 24 -18.48 -12.36 9.00
C HIS A 24 -18.55 -11.04 9.78
N LEU A 25 -17.48 -10.72 10.51
CA LEU A 25 -17.44 -9.49 11.31
C LEU A 25 -17.04 -8.28 10.48
N PRO A 26 -17.73 -7.13 10.68
CA PRO A 26 -17.23 -5.88 10.11
C PRO A 26 -15.80 -5.61 10.58
N LEU A 27 -15.02 -4.94 9.75
CA LEU A 27 -13.60 -4.71 10.02
C LEU A 27 -13.33 -4.10 11.40
N HIS A 28 -14.09 -3.06 11.75
CA HIS A 28 -13.95 -2.44 13.08
C HIS A 28 -14.29 -3.40 14.22
N SER A 29 -15.35 -4.19 14.03
CA SER A 29 -15.76 -5.18 15.04
C SER A 29 -14.68 -6.24 15.26
N TYR A 30 -13.99 -6.60 14.18
CA TYR A 30 -12.92 -7.57 14.22
C TYR A 30 -11.65 -6.98 14.86
N CYS A 31 -11.24 -5.82 14.36
CA CYS A 31 -10.03 -5.17 14.87
C CYS A 31 -10.15 -4.84 16.35
N PHE A 32 -11.35 -4.47 16.78
CA PHE A 32 -11.59 -4.15 18.19
C PHE A 32 -12.24 -5.28 18.99
N GLU A 33 -12.24 -6.50 18.44
CA GLU A 33 -12.92 -7.63 19.09
C GLU A 33 -12.46 -7.84 20.53
N ASN A 34 -11.14 -7.77 20.73
CA ASN A 34 -10.54 -7.99 22.05
C ASN A 34 -10.15 -6.70 22.78
N ILE A 35 -10.78 -5.59 22.41
CA ILE A 35 -10.43 -4.26 22.95
C ILE A 35 -10.56 -4.16 24.48
N SER A 36 -11.46 -4.95 25.07
CA SER A 36 -11.62 -4.97 26.53
C SER A 36 -10.32 -5.35 27.23
N GLU A 37 -9.46 -6.08 26.53
CA GLU A 37 -8.16 -6.49 27.06
C GLU A 37 -7.10 -5.42 26.90
N PHE A 38 -7.36 -4.43 26.03
CA PHE A 38 -6.36 -3.41 25.67
C PHE A 38 -6.79 -1.99 25.98
N SER A 39 -7.97 -1.83 26.58
CA SER A 39 -8.67 -0.54 26.68
C SER A 39 -7.80 0.66 27.07
N SER A 40 -7.04 0.50 28.16
CA SER A 40 -6.26 1.61 28.71
C SER A 40 -4.86 1.73 28.11
N ARG A 41 -4.49 0.80 27.23
CA ARG A 41 -3.16 0.77 26.62
C ARG A 41 -3.02 1.84 25.52
N PRO A 42 -1.77 2.30 25.27
CA PRO A 42 -1.54 3.20 24.14
C PRO A 42 -1.90 2.54 22.81
N CYS A 43 -2.60 3.28 21.97
CA CYS A 43 -3.03 2.78 20.67
C CYS A 43 -2.33 3.55 19.56
N LEU A 44 -2.53 4.86 19.54
CA LEU A 44 -1.85 5.74 18.60
C LEU A 44 -0.99 6.70 19.39
N ILE A 45 0.28 6.77 19.02
CA ILE A 45 1.19 7.75 19.58
C ILE A 45 1.63 8.64 18.43
N ASN A 46 1.33 9.93 18.53
CA ASN A 46 1.77 10.89 17.53
C ASN A 46 3.20 11.30 17.86
N GLY A 47 4.15 10.84 17.05
CA GLY A 47 5.57 11.03 17.33
C GLY A 47 6.00 12.47 17.49
N ALA A 48 5.39 13.36 16.71
CA ALA A 48 5.77 14.78 16.69
C ALA A 48 5.41 15.55 17.96
N ASN A 49 4.15 15.42 18.40
CA ASN A 49 3.68 16.17 19.59
C ASN A 49 3.56 15.34 20.86
N LYS A 50 3.95 14.06 20.78
CA LYS A 50 3.96 13.13 21.91
C LYS A 50 2.56 12.79 22.45
N GLN A 51 1.52 13.12 21.69
CA GLN A 51 0.15 12.81 22.12
C GLN A 51 -0.14 11.31 22.04
N ILE A 52 -0.74 10.79 23.11
CA ILE A 52 -1.10 9.38 23.19
C ILE A 52 -2.62 9.23 23.21
N TYR A 53 -3.15 8.42 22.30
CA TYR A 53 -4.55 8.02 22.33
C TYR A 53 -4.58 6.57 22.77
N THR A 54 -5.35 6.26 23.82
CA THR A 54 -5.53 4.88 24.26
C THR A 54 -6.45 4.14 23.30
N TYR A 55 -6.55 2.82 23.48
CA TYR A 55 -7.51 2.03 22.70
C TYR A 55 -8.93 2.52 22.87
N ALA A 56 -9.31 2.81 24.11
CA ALA A 56 -10.62 3.39 24.39
C ALA A 56 -10.81 4.73 23.66
N ASP A 57 -9.77 5.57 23.66
CA ASP A 57 -9.81 6.87 22.98
C ASP A 57 -10.06 6.71 21.48
N VAL A 58 -9.38 5.73 20.87
CA VAL A 58 -9.40 5.56 19.43
C VAL A 58 -10.75 4.98 18.97
N GLU A 59 -11.25 4.00 19.71
CA GLU A 59 -12.57 3.43 19.42
C GLU A 59 -13.65 4.50 19.56
N LEU A 60 -13.57 5.30 20.63
CA LEU A 60 -14.55 6.34 20.87
C LEU A 60 -14.49 7.47 19.83
N ASN A 61 -13.28 7.94 19.52
CA ASN A 61 -13.12 8.99 18.52
C ASN A 61 -13.56 8.54 17.13
N SER A 62 -13.33 7.26 16.83
CA SER A 62 -13.77 6.70 15.55
C SER A 62 -15.29 6.67 15.47
N ARG A 63 -15.94 6.36 16.59
CA ARG A 63 -17.40 6.35 16.66
C ARG A 63 -17.97 7.76 16.56
N LYS A 64 -17.31 8.72 17.21
CA LYS A 64 -17.70 10.12 17.09
C LYS A 64 -17.60 10.60 15.64
N VAL A 65 -16.48 10.29 15.00
CA VAL A 65 -16.26 10.66 13.60
C VAL A 65 -17.31 9.99 12.69
N ALA A 66 -17.67 8.75 13.00
CA ALA A 66 -18.76 8.06 12.27
C ALA A 66 -20.06 8.84 12.33
N ALA A 67 -20.43 9.29 13.53
CA ALA A 67 -21.63 10.10 13.71
C ALA A 67 -21.52 11.44 12.97
N GLY A 68 -20.34 12.06 13.04
CA GLY A 68 -20.07 13.29 12.32
C GLY A 68 -20.20 13.15 10.80
N LEU A 69 -19.63 12.07 10.27
CA LEU A 69 -19.72 11.78 8.84
C LEU A 69 -21.17 11.53 8.42
N HIS A 70 -21.90 10.81 9.26
CA HIS A 70 -23.33 10.59 9.05
C HIS A 70 -24.09 11.92 8.99
N LYS A 71 -23.78 12.83 9.91
CA LYS A 71 -24.38 14.17 9.92
C LYS A 71 -24.02 14.99 8.67
N GLN A 72 -22.85 14.72 8.10
CA GLN A 72 -22.39 15.39 6.87
C GLN A 72 -22.93 14.72 5.60
N GLY A 73 -23.75 13.70 5.76
CA GLY A 73 -24.45 13.09 4.64
C GLY A 73 -23.90 11.78 4.09
N ILE A 74 -22.91 11.20 4.77
CA ILE A 74 -22.32 9.92 4.35
C ILE A 74 -23.29 8.78 4.67
N GLN A 75 -23.70 8.07 3.63
CA GLN A 75 -24.58 6.91 3.75
C GLN A 75 -23.79 5.61 3.50
N PRO A 76 -24.39 4.44 3.81
CA PRO A 76 -23.73 3.19 3.43
C PRO A 76 -23.37 3.20 1.95
N LYS A 77 -22.17 2.69 1.65
CA LYS A 77 -21.62 2.60 0.29
C LYS A 77 -21.18 3.92 -0.32
N ASP A 78 -21.33 5.02 0.41
CA ASP A 78 -20.71 6.28 -0.02
C ASP A 78 -19.22 6.23 0.25
N THR A 79 -18.48 7.12 -0.43
CA THR A 79 -17.02 7.14 -0.35
C THR A 79 -16.52 8.48 0.19
N ILE A 80 -15.57 8.42 1.10
CA ILE A 80 -14.78 9.60 1.47
C ILE A 80 -13.37 9.43 0.92
N MET A 81 -12.72 10.54 0.61
CA MET A 81 -11.31 10.54 0.24
C MET A 81 -10.48 11.06 1.40
N ILE A 82 -9.52 10.25 1.83
CA ILE A 82 -8.54 10.70 2.80
C ILE A 82 -7.30 11.18 2.04
N LEU A 83 -6.98 12.46 2.19
CA LEU A 83 -5.84 13.07 1.53
C LEU A 83 -4.93 13.68 2.61
N LEU A 84 -4.33 12.78 3.39
CA LEU A 84 -3.58 13.13 4.59
C LEU A 84 -2.28 12.35 4.70
N PRO A 85 -1.27 12.95 5.34
CA PRO A 85 -0.14 12.16 5.82
C PRO A 85 -0.57 11.31 7.00
N ASN A 86 0.27 10.38 7.42
CA ASN A 86 -0.01 9.58 8.61
C ASN A 86 -0.36 10.49 9.78
N SER A 87 -1.48 10.21 10.43
CA SER A 87 -2.01 11.05 11.50
C SER A 87 -3.12 10.31 12.23
N PRO A 88 -3.39 10.70 13.49
CA PRO A 88 -4.56 10.14 14.17
C PRO A 88 -5.86 10.39 13.38
N GLU A 89 -5.96 11.56 12.75
CA GLU A 89 -7.15 11.91 11.96
C GLU A 89 -7.38 10.95 10.79
N PHE A 90 -6.29 10.52 10.14
CA PHE A 90 -6.38 9.47 9.12
C PHE A 90 -7.10 8.24 9.68
N VAL A 91 -6.67 7.79 10.86
CA VAL A 91 -7.20 6.60 11.47
C VAL A 91 -8.68 6.78 11.84
N PHE A 92 -9.01 7.92 12.45
CA PHE A 92 -10.39 8.18 12.88
C PHE A 92 -11.32 8.26 11.68
N ALA A 93 -10.86 8.89 10.60
CA ALA A 93 -11.64 8.98 9.36
C ALA A 93 -11.88 7.61 8.75
N PHE A 94 -10.82 6.79 8.68
CA PHE A 94 -10.93 5.47 8.07
C PHE A 94 -11.88 4.56 8.86
N ILE A 95 -11.67 4.50 10.17
CA ILE A 95 -12.50 3.64 11.00
C ILE A 95 -13.92 4.20 11.09
N GLY A 96 -14.02 5.53 11.20
CA GLY A 96 -15.33 6.20 11.17
C GLY A 96 -16.18 5.80 9.98
N ALA A 97 -15.59 5.81 8.78
CA ALA A 97 -16.32 5.40 7.58
C ALA A 97 -16.74 3.94 7.63
N SER A 98 -15.87 3.08 8.17
CA SER A 98 -16.16 1.67 8.36
C SER A 98 -17.43 1.45 9.19
N TYR A 99 -17.56 2.22 10.28
CA TYR A 99 -18.71 2.11 11.17
C TYR A 99 -20.03 2.38 10.46
N LEU A 100 -19.97 3.22 9.41
CA LEU A 100 -21.15 3.58 8.62
C LEU A 100 -21.42 2.62 7.45
N GLY A 101 -20.55 1.64 7.27
CA GLY A 101 -20.61 0.78 6.08
C GLY A 101 -20.26 1.56 4.84
N ALA A 102 -19.43 2.58 5.01
CA ALA A 102 -18.96 3.45 3.92
C ALA A 102 -17.52 3.10 3.54
N ILE A 103 -17.00 3.81 2.55
CA ILE A 103 -15.73 3.47 1.92
C ILE A 103 -14.74 4.61 2.05
N SER A 104 -13.49 4.29 2.36
CA SER A 104 -12.42 5.29 2.32
C SER A 104 -11.51 5.01 1.13
N THR A 105 -11.39 6.00 0.24
CA THR A 105 -10.32 5.97 -0.75
C THR A 105 -9.19 6.83 -0.21
N MET A 106 -7.97 6.36 -0.37
CA MET A 106 -6.81 7.04 0.20
C MET A 106 -5.91 7.55 -0.90
N ALA A 107 -5.41 8.76 -0.75
CA ALA A 107 -4.57 9.38 -1.76
C ALA A 107 -3.39 10.11 -1.14
N ASN A 108 -2.27 10.10 -1.85
CA ASN A 108 -1.07 10.82 -1.46
C ASN A 108 -1.32 12.33 -1.47
N PRO A 109 -1.15 13.02 -0.31
CA PRO A 109 -1.38 14.47 -0.27
C PRO A 109 -0.47 15.27 -1.21
N LEU A 110 0.62 14.66 -1.68
CA LEU A 110 1.55 15.31 -2.60
C LEU A 110 1.17 15.18 -4.08
N PHE A 111 0.04 14.54 -4.36
CA PHE A 111 -0.50 14.47 -5.73
C PHE A 111 -0.71 15.88 -6.29
N THR A 112 -0.52 16.03 -7.60
CA THR A 112 -0.87 17.29 -8.29
C THR A 112 -2.40 17.45 -8.32
N PRO A 113 -2.90 18.67 -8.56
CA PRO A 113 -4.36 18.84 -8.67
C PRO A 113 -5.01 17.83 -9.63
N ALA A 114 -4.43 17.63 -10.81
CA ALA A 114 -5.00 16.71 -11.80
C ALA A 114 -5.07 15.28 -11.26
N GLU A 115 -4.04 14.85 -10.53
CA GLU A 115 -4.01 13.51 -9.96
C GLU A 115 -5.07 13.32 -8.86
N VAL A 116 -5.21 14.32 -7.98
CA VAL A 116 -6.20 14.26 -6.91
C VAL A 116 -7.61 14.21 -7.50
N VAL A 117 -7.90 15.12 -8.44
CA VAL A 117 -9.22 15.22 -9.04
C VAL A 117 -9.59 13.94 -9.80
N LYS A 118 -8.63 13.37 -10.53
CA LYS A 118 -8.87 12.11 -11.25
C LYS A 118 -9.34 11.02 -10.31
N GLN A 119 -8.67 10.90 -9.16
CA GLN A 119 -9.07 9.88 -8.18
C GLN A 119 -10.39 10.22 -7.47
N ALA A 120 -10.60 11.50 -7.19
CA ALA A 120 -11.85 11.94 -6.59
C ALA A 120 -13.05 11.63 -7.50
N LYS A 121 -12.89 11.88 -8.81
CA LYS A 121 -13.94 11.54 -9.77
C LYS A 121 -14.13 10.03 -9.91
N ALA A 122 -13.03 9.30 -10.03
CA ALA A 122 -13.12 7.85 -10.22
C ALA A 122 -13.84 7.19 -9.04
N SER A 123 -13.59 7.71 -7.84
CA SER A 123 -14.10 7.12 -6.61
C SER A 123 -15.46 7.68 -6.17
N SER A 124 -15.91 8.74 -6.84
CA SER A 124 -17.12 9.48 -6.46
C SER A 124 -17.10 9.94 -4.99
N ALA A 125 -15.93 10.38 -4.53
CA ALA A 125 -15.78 10.85 -3.15
C ALA A 125 -16.75 11.99 -2.84
N LYS A 126 -17.44 11.87 -1.71
CA LYS A 126 -18.40 12.88 -1.27
C LYS A 126 -17.77 13.93 -0.38
N ILE A 127 -16.69 13.54 0.29
CA ILE A 127 -15.95 14.39 1.21
C ILE A 127 -14.46 14.15 0.98
N ILE A 128 -13.68 15.21 1.04
CA ILE A 128 -12.22 15.12 0.99
C ILE A 128 -11.69 15.61 2.33
N VAL A 129 -11.00 14.73 3.04
CA VAL A 129 -10.38 15.08 4.33
C VAL A 129 -8.91 15.36 4.06
N THR A 130 -8.47 16.59 4.37
CA THR A 130 -7.13 16.99 3.99
C THR A 130 -6.53 18.06 4.93
N GLN A 131 -5.43 18.67 4.52
CA GLN A 131 -4.82 19.79 5.22
C GLN A 131 -5.07 21.07 4.44
N ALA A 132 -5.07 22.20 5.15
CA ALA A 132 -5.31 23.51 4.55
C ALA A 132 -4.43 23.75 3.32
N CYS A 133 -3.16 23.37 3.41
CA CYS A 133 -2.20 23.60 2.33
C CYS A 133 -2.54 22.93 1.00
N HIS A 134 -3.42 21.92 1.04
CA HIS A 134 -3.79 21.18 -0.17
C HIS A 134 -5.17 21.54 -0.71
N VAL A 135 -5.88 22.42 -0.01
CA VAL A 135 -7.23 22.83 -0.42
C VAL A 135 -7.30 23.39 -1.84
N ASN A 136 -6.30 24.22 -2.21
CA ASN A 136 -6.21 24.78 -3.56
C ASN A 136 -6.24 23.76 -4.69
N LYS A 137 -5.78 22.54 -4.40
CA LYS A 137 -5.73 21.46 -5.38
C LYS A 137 -7.10 20.95 -5.78
N VAL A 138 -8.08 21.10 -4.88
CA VAL A 138 -9.40 20.50 -5.06
C VAL A 138 -10.58 21.47 -4.91
N LYS A 139 -10.30 22.71 -4.52
CA LYS A 139 -11.35 23.67 -4.15
C LYS A 139 -12.38 23.89 -5.25
N ASP A 140 -11.92 24.20 -6.46
CA ASP A 140 -12.84 24.46 -7.56
C ASP A 140 -13.64 23.22 -7.93
N TYR A 141 -12.94 22.09 -8.09
CA TYR A 141 -13.62 20.83 -8.37
C TYR A 141 -14.69 20.52 -7.32
N ALA A 142 -14.33 20.63 -6.05
CA ALA A 142 -15.22 20.31 -4.95
C ALA A 142 -16.47 21.19 -4.93
N PHE A 143 -16.26 22.50 -5.14
CA PHE A 143 -17.36 23.47 -5.16
C PHE A 143 -18.34 23.16 -6.28
N GLU A 144 -17.81 22.84 -7.45
CA GLU A 144 -18.63 22.58 -8.64
C GLU A 144 -19.40 21.26 -8.52
N ASN A 145 -18.93 20.36 -7.66
CA ASN A 145 -19.50 19.02 -7.57
C ASN A 145 -20.09 18.65 -6.20
N ASP A 146 -20.28 19.66 -5.35
CA ASP A 146 -20.88 19.50 -4.02
C ASP A 146 -20.11 18.51 -3.13
N VAL A 147 -18.79 18.52 -3.28
CA VAL A 147 -17.91 17.70 -2.46
C VAL A 147 -17.43 18.57 -1.30
N LYS A 148 -17.63 18.09 -0.08
CA LYS A 148 -17.21 18.82 1.12
C LYS A 148 -15.72 18.64 1.37
N ILE A 149 -15.05 19.72 1.76
CA ILE A 149 -13.65 19.67 2.16
C ILE A 149 -13.56 19.89 3.66
N ILE A 150 -12.92 18.94 4.34
CA ILE A 150 -12.75 18.98 5.78
C ILE A 150 -11.26 18.98 6.09
N CYS A 151 -10.79 20.03 6.78
CA CYS A 151 -9.36 20.17 7.09
C CYS A 151 -9.05 19.82 8.54
N ILE A 152 -7.90 19.18 8.75
CA ILE A 152 -7.51 18.75 10.09
C ILE A 152 -6.80 19.82 10.90
N ASP A 153 -6.21 20.81 10.22
CA ASP A 153 -5.44 21.85 10.90
C ASP A 153 -6.18 23.17 11.05
N SER A 154 -6.43 23.84 9.94
CA SER A 154 -7.24 25.07 9.93
C SER A 154 -8.13 25.02 8.70
N ALA A 155 -9.32 25.60 8.81
CA ALA A 155 -10.27 25.58 7.71
C ALA A 155 -10.31 26.92 6.97
N PRO A 156 -9.83 26.95 5.71
CA PRO A 156 -10.03 28.11 4.85
C PRO A 156 -11.51 28.31 4.56
N GLU A 157 -11.90 29.49 4.09
CA GLU A 157 -13.29 29.77 3.78
C GLU A 157 -13.87 28.74 2.81
N GLY A 158 -15.07 28.27 3.09
CA GLY A 158 -15.72 27.26 2.27
C GLY A 158 -15.41 25.83 2.70
N CYS A 159 -14.49 25.69 3.66
CA CYS A 159 -14.14 24.38 4.19
C CYS A 159 -14.62 24.21 5.63
N LEU A 160 -14.78 22.96 6.05
CA LEU A 160 -15.08 22.65 7.44
C LEU A 160 -13.82 22.19 8.17
N HIS A 161 -13.84 22.30 9.49
CA HIS A 161 -12.73 21.80 10.30
C HIS A 161 -13.07 20.40 10.83
N PHE A 162 -12.05 19.57 11.01
CA PHE A 162 -12.22 18.17 11.43
C PHE A 162 -12.96 18.03 12.77
N SER A 163 -12.90 19.08 13.59
CA SER A 163 -13.62 19.09 14.87
C SER A 163 -15.14 18.96 14.68
N VAL A 164 -15.65 19.35 13.52
CA VAL A 164 -17.07 19.15 13.20
C VAL A 164 -17.44 17.66 13.25
N LEU A 165 -16.45 16.79 13.04
CA LEU A 165 -16.66 15.35 13.09
C LEU A 165 -16.41 14.79 14.49
N THR A 166 -15.36 15.26 15.15
CA THR A 166 -15.00 14.73 16.48
C THR A 166 -15.93 15.25 17.59
N GLN A 167 -16.56 16.40 17.36
CA GLN A 167 -17.51 16.97 18.32
C GLN A 167 -18.87 16.29 18.28
N ALA A 168 -19.08 15.41 17.32
CA ALA A 168 -20.35 14.69 17.17
C ALA A 168 -20.58 13.69 18.30
N ASN A 169 -21.85 13.38 18.52
CA ASN A 169 -22.23 12.42 19.56
C ASN A 169 -22.19 11.00 19.03
N GLU A 170 -21.35 10.17 19.64
CA GLU A 170 -21.17 8.77 19.23
C GLU A 170 -22.48 7.96 19.21
N HIS A 171 -23.46 8.37 20.00
CA HIS A 171 -24.74 7.68 20.05
C HIS A 171 -25.63 8.03 18.86
N ASP A 172 -25.19 8.99 18.03
CA ASP A 172 -25.92 9.39 16.83
C ASP A 172 -25.54 8.58 15.58
N ILE A 173 -24.74 7.54 15.76
CA ILE A 173 -24.49 6.58 14.68
C ILE A 173 -25.80 5.87 14.37
N PRO A 174 -26.21 5.86 13.08
CA PRO A 174 -27.44 5.17 12.70
C PRO A 174 -27.28 3.66 12.83
N GLU A 175 -28.40 2.94 12.88
CA GLU A 175 -28.36 1.50 12.73
C GLU A 175 -27.80 1.20 11.34
N VAL A 176 -26.87 0.27 11.27
CA VAL A 176 -26.18 -0.03 10.02
C VAL A 176 -26.16 -1.53 9.78
N GLU A 177 -26.43 -1.92 8.53
CA GLU A 177 -26.34 -3.31 8.12
C GLU A 177 -25.17 -3.49 7.15
N ILE A 178 -24.07 -4.01 7.67
CA ILE A 178 -22.86 -4.20 6.89
C ILE A 178 -22.73 -5.67 6.50
N GLN A 179 -22.54 -5.91 5.21
CA GLN A 179 -22.35 -7.27 4.72
C GLN A 179 -20.86 -7.57 4.56
N PRO A 180 -20.46 -8.85 4.65
CA PRO A 180 -19.05 -9.20 4.49
C PRO A 180 -18.44 -8.69 3.18
N ASP A 181 -19.19 -8.74 2.09
CA ASP A 181 -18.66 -8.32 0.79
C ASP A 181 -18.74 -6.81 0.51
N ASP A 182 -19.18 -6.03 1.49
CA ASP A 182 -19.19 -4.59 1.35
C ASP A 182 -17.77 -4.04 1.33
N VAL A 183 -17.53 -3.09 0.43
CA VAL A 183 -16.23 -2.44 0.29
C VAL A 183 -16.00 -1.52 1.49
N VAL A 184 -14.77 -1.49 2.00
CA VAL A 184 -14.40 -0.59 3.09
C VAL A 184 -13.16 0.27 2.78
N ALA A 185 -12.27 -0.26 1.92
CA ALA A 185 -11.07 0.48 1.54
C ALA A 185 -10.93 0.45 0.03
N LEU A 186 -10.56 1.59 -0.55
CA LEU A 186 -10.41 1.71 -2.01
C LEU A 186 -9.07 2.36 -2.40
N PRO A 187 -7.97 1.63 -2.18
CA PRO A 187 -6.69 2.11 -2.74
C PRO A 187 -6.70 2.00 -4.26
N TYR A 188 -5.90 2.83 -4.91
CA TYR A 188 -5.75 2.76 -6.37
C TYR A 188 -4.48 2.03 -6.80
N SER A 189 -4.60 1.24 -7.86
CA SER A 189 -3.47 0.47 -8.40
C SER A 189 -3.66 0.28 -9.90
N SER A 190 -2.55 0.30 -10.64
CA SER A 190 -2.61 0.04 -12.08
C SER A 190 -2.60 -1.45 -12.42
N GLY A 191 -2.40 -2.31 -11.41
CA GLY A 191 -2.46 -3.76 -11.62
C GLY A 191 -1.43 -4.27 -12.61
N THR A 192 -1.87 -5.12 -13.52
CA THR A 192 -0.94 -5.81 -14.44
C THR A 192 -0.80 -5.14 -15.81
N THR A 193 -1.60 -4.11 -16.05
CA THR A 193 -1.50 -3.28 -17.25
C THR A 193 -2.43 -2.07 -17.15
N GLY A 194 -2.07 -0.99 -17.83
CA GLY A 194 -2.97 0.16 -17.96
C GLY A 194 -2.91 1.19 -16.87
N LEU A 195 -4.04 1.87 -16.65
CA LEU A 195 -4.12 3.05 -15.79
C LEU A 195 -4.53 2.70 -14.36
N PRO A 196 -4.30 3.62 -13.39
CA PRO A 196 -4.77 3.35 -12.02
C PRO A 196 -6.26 3.04 -11.96
N LYS A 197 -6.59 2.00 -11.21
CA LYS A 197 -7.94 1.49 -11.04
C LYS A 197 -8.23 1.40 -9.55
N GLY A 198 -9.50 1.48 -9.19
CA GLY A 198 -9.89 1.40 -7.79
C GLY A 198 -9.99 -0.03 -7.33
N VAL A 199 -9.20 -0.39 -6.32
CA VAL A 199 -9.18 -1.76 -5.82
C VAL A 199 -10.17 -1.90 -4.66
N MET A 200 -11.24 -2.68 -4.87
CA MET A 200 -12.29 -2.82 -3.87
C MET A 200 -11.88 -3.86 -2.83
N LEU A 201 -11.46 -3.39 -1.66
CA LEU A 201 -11.11 -4.28 -0.56
C LEU A 201 -12.25 -4.27 0.44
N THR A 202 -12.70 -5.45 0.81
CA THR A 202 -13.94 -5.59 1.58
C THR A 202 -13.69 -5.87 3.05
N HIS A 203 -14.75 -5.78 3.84
CA HIS A 203 -14.70 -6.21 5.24
C HIS A 203 -14.19 -7.65 5.33
N LYS A 204 -14.80 -8.55 4.57
CA LYS A 204 -14.40 -9.96 4.59
C LYS A 204 -12.94 -10.14 4.18
N GLY A 205 -12.54 -9.42 3.13
CA GLY A 205 -11.18 -9.53 2.60
C GLY A 205 -10.12 -9.09 3.58
N LEU A 206 -10.36 -7.94 4.20
CA LEU A 206 -9.38 -7.38 5.14
C LEU A 206 -9.33 -8.13 6.48
N VAL A 207 -10.49 -8.58 6.95
CA VAL A 207 -10.52 -9.44 8.14
C VAL A 207 -9.71 -10.70 7.85
N THR A 208 -9.93 -11.31 6.69
CA THR A 208 -9.18 -12.51 6.29
C THR A 208 -7.68 -12.22 6.23
N SER A 209 -7.31 -11.12 5.59
CA SER A 209 -5.89 -10.80 5.42
C SER A 209 -5.20 -10.56 6.77
N VAL A 210 -5.85 -9.77 7.63
CA VAL A 210 -5.31 -9.50 8.96
C VAL A 210 -5.17 -10.78 9.77
N ALA A 211 -6.22 -11.62 9.74
CA ALA A 211 -6.18 -12.92 10.42
C ALA A 211 -5.05 -13.80 9.92
N GLN A 212 -4.86 -13.84 8.60
CA GLN A 212 -3.77 -14.62 8.01
C GLN A 212 -2.40 -14.19 8.56
N GLN A 213 -2.27 -12.92 8.88
CA GLN A 213 -1.02 -12.38 9.39
C GLN A 213 -0.81 -12.61 10.88
N VAL A 214 -1.81 -12.31 11.70
CA VAL A 214 -1.59 -12.20 13.15
C VAL A 214 -2.45 -13.11 14.05
N ASP A 215 -3.43 -13.80 13.48
CA ASP A 215 -4.26 -14.73 14.27
C ASP A 215 -3.69 -16.15 14.27
N GLY A 216 -4.25 -16.99 15.13
CA GLY A 216 -3.86 -18.39 15.20
C GLY A 216 -3.00 -18.73 16.40
N GLU A 217 -2.95 -20.01 16.76
CA GLU A 217 -2.12 -20.48 17.88
C GLU A 217 -0.65 -20.18 17.61
N ASN A 218 -0.24 -20.42 16.36
CA ASN A 218 1.06 -19.97 15.90
C ASN A 218 0.86 -18.95 14.77
N PRO A 219 0.78 -17.66 15.13
CA PRO A 219 0.60 -16.64 14.08
C PRO A 219 1.81 -16.53 13.18
N ASN A 220 1.58 -16.21 11.91
CA ASN A 220 2.65 -16.03 10.94
C ASN A 220 3.55 -14.86 11.32
N LEU A 221 2.94 -13.80 11.83
CA LEU A 221 3.68 -12.69 12.43
C LEU A 221 3.22 -12.57 13.87
N TYR A 222 4.14 -12.89 14.79
CA TYR A 222 3.83 -12.78 16.20
C TYR A 222 4.05 -11.35 16.68
N ILE A 223 2.94 -10.63 16.86
CA ILE A 223 2.93 -9.33 17.53
C ILE A 223 1.87 -9.35 18.62
N HIS A 224 2.09 -8.56 19.66
CA HIS A 224 1.23 -8.58 20.84
C HIS A 224 1.08 -7.19 21.42
N SER A 225 0.31 -7.07 22.50
CA SER A 225 -0.10 -5.77 22.99
C SER A 225 1.03 -4.96 23.62
N GLU A 226 2.15 -5.61 23.92
CA GLU A 226 3.30 -4.88 24.47
C GLU A 226 4.21 -4.30 23.39
N ASP A 227 3.98 -4.69 22.14
CA ASP A 227 4.78 -4.18 21.03
C ASP A 227 4.51 -2.71 20.72
N VAL A 228 5.53 -2.05 20.19
CA VAL A 228 5.45 -0.68 19.70
C VAL A 228 5.90 -0.74 18.25
N MET A 229 4.95 -0.45 17.35
CA MET A 229 5.16 -0.60 15.92
C MET A 229 5.34 0.77 15.30
N LEU A 230 6.44 0.97 14.59
CA LEU A 230 6.67 2.25 13.92
C LEU A 230 5.83 2.34 12.64
N CYS A 231 5.09 3.42 12.50
CA CYS A 231 4.26 3.64 11.32
C CYS A 231 4.82 4.83 10.54
N VAL A 232 5.87 4.55 9.78
CA VAL A 232 6.52 5.58 8.96
C VAL A 232 6.14 5.43 7.48
N LEU A 233 5.87 4.20 7.04
CA LEU A 233 5.37 3.99 5.68
C LEU A 233 3.95 4.56 5.60
N PRO A 234 3.54 5.04 4.41
CA PRO A 234 2.28 5.78 4.32
C PRO A 234 1.02 4.94 4.47
N LEU A 235 0.11 5.42 5.32
CA LEU A 235 -1.17 4.75 5.52
C LEU A 235 -2.08 4.84 4.30
N PHE A 236 -1.76 5.76 3.39
CA PHE A 236 -2.56 5.87 2.16
C PHE A 236 -2.26 4.78 1.15
N HIS A 237 -1.31 3.91 1.48
CA HIS A 237 -1.16 2.67 0.75
CA HIS A 237 -1.14 2.66 0.75
C HIS A 237 -1.55 1.50 1.65
N ILE A 238 -2.21 0.52 1.06
CA ILE A 238 -2.76 -0.61 1.83
C ILE A 238 -1.67 -1.43 2.53
N TYR A 239 -0.46 -1.37 1.97
CA TYR A 239 0.71 -1.98 2.56
C TYR A 239 0.76 -1.71 4.07
N SER A 240 0.72 -0.44 4.45
CA SER A 240 0.78 -0.06 5.86
C SER A 240 -0.58 0.00 6.54
N LEU A 241 -1.61 0.40 5.80
CA LEU A 241 -2.94 0.45 6.38
C LEU A 241 -3.31 -0.93 6.93
N ASN A 242 -3.06 -1.96 6.14
CA ASN A 242 -3.33 -3.34 6.57
C ASN A 242 -2.26 -3.84 7.54
N SER A 243 -1.03 -3.99 7.07
CA SER A 243 -0.02 -4.72 7.85
C SER A 243 0.51 -3.99 9.08
N VAL A 244 0.36 -2.67 9.12
CA VAL A 244 0.76 -1.93 10.31
C VAL A 244 -0.46 -1.58 11.16
N LEU A 245 -1.36 -0.76 10.62
CA LEU A 245 -2.49 -0.28 11.41
C LEU A 245 -3.49 -1.38 11.79
N LEU A 246 -4.09 -2.04 10.80
CA LEU A 246 -5.16 -3.00 11.11
C LEU A 246 -4.64 -4.19 11.90
N CYS A 247 -3.44 -4.68 11.54
CA CYS A 247 -2.82 -5.77 12.27
C CYS A 247 -2.43 -5.36 13.69
N GLY A 248 -1.91 -4.14 13.84
CA GLY A 248 -1.54 -3.63 15.16
C GLY A 248 -2.74 -3.51 16.07
N LEU A 249 -3.83 -2.95 15.54
CA LEU A 249 -5.08 -2.80 16.31
C LEU A 249 -5.61 -4.14 16.79
N ARG A 250 -5.60 -5.13 15.90
CA ARG A 250 -6.11 -6.46 16.19
C ARG A 250 -5.44 -7.07 17.43
N VAL A 251 -4.14 -6.85 17.58
CA VAL A 251 -3.38 -7.47 18.68
C VAL A 251 -3.17 -6.54 19.88
N GLY A 252 -3.62 -5.29 19.78
CA GLY A 252 -3.53 -4.35 20.89
C GLY A 252 -2.19 -3.65 21.03
N ALA A 253 -1.42 -3.65 19.96
CA ALA A 253 -0.11 -2.98 19.93
C ALA A 253 -0.22 -1.46 19.84
N ALA A 254 0.85 -0.78 20.24
CA ALA A 254 0.94 0.67 20.09
C ALA A 254 1.48 0.98 18.70
N ILE A 255 0.85 1.95 18.05
CA ILE A 255 1.27 2.37 16.71
C ILE A 255 1.85 3.78 16.80
N LEU A 256 3.15 3.87 16.52
CA LEU A 256 3.88 5.13 16.63
C LEU A 256 3.91 5.80 15.26
N ILE A 257 3.17 6.91 15.15
CA ILE A 257 2.95 7.56 13.87
C ILE A 257 4.03 8.58 13.55
N MET A 258 4.66 8.45 12.37
CA MET A 258 5.49 9.51 11.80
C MET A 258 4.78 10.09 10.59
N GLN A 259 4.74 11.42 10.50
CA GLN A 259 4.14 12.10 9.35
C GLN A 259 5.03 12.05 8.12
N LYS A 260 6.34 11.99 8.35
CA LYS A 260 7.31 12.01 7.26
C LYS A 260 8.62 11.40 7.74
N PHE A 261 9.28 10.64 6.87
CA PHE A 261 10.58 10.07 7.20
C PHE A 261 11.68 11.13 7.14
N ASP A 262 12.45 11.21 8.23
CA ASP A 262 13.82 11.73 8.17
C ASP A 262 14.63 10.87 9.13
N ILE A 263 15.92 10.71 8.85
CA ILE A 263 16.75 9.74 9.59
C ILE A 263 16.84 10.06 11.09
N VAL A 264 16.94 11.34 11.44
CA VAL A 264 17.04 11.72 12.86
C VAL A 264 15.75 11.44 13.62
N SER A 265 14.61 11.90 13.11
CA SER A 265 13.34 11.65 13.78
C SER A 265 13.10 10.15 13.94
N PHE A 266 13.45 9.40 12.90
CA PHE A 266 13.35 7.93 12.86
C PHE A 266 14.15 7.31 14.02
N LEU A 267 15.41 7.70 14.12
CA LEU A 267 16.29 7.13 15.16
C LEU A 267 15.86 7.56 16.55
N GLU A 268 15.53 8.84 16.70
CA GLU A 268 15.08 9.38 17.99
C GLU A 268 13.81 8.67 18.47
N LEU A 269 12.87 8.45 17.57
CA LEU A 269 11.61 7.83 17.95
C LEU A 269 11.78 6.35 18.33
N ILE A 270 12.62 5.63 17.58
CA ILE A 270 12.89 4.23 17.91
C ILE A 270 13.52 4.12 19.30
N GLN A 271 14.48 4.99 19.58
CA GLN A 271 15.16 5.00 20.87
C GLN A 271 14.25 5.46 22.01
N ARG A 272 13.56 6.59 21.81
CA ARG A 272 12.74 7.17 22.87
C ARG A 272 11.52 6.32 23.23
N TYR A 273 10.84 5.79 22.23
CA TYR A 273 9.63 5.01 22.45
C TYR A 273 9.88 3.52 22.46
N LYS A 274 11.14 3.13 22.28
CA LYS A 274 11.54 1.73 22.32
C LYS A 274 10.70 0.88 21.35
N VAL A 275 10.70 1.32 20.10
CA VAL A 275 10.04 0.60 19.01
C VAL A 275 10.52 -0.86 18.97
N THR A 276 9.57 -1.78 18.87
CA THR A 276 9.90 -3.21 18.82
C THR A 276 9.70 -3.81 17.43
N ILE A 277 8.80 -3.24 16.64
CA ILE A 277 8.50 -3.72 15.29
C ILE A 277 8.78 -2.62 14.28
N GLY A 278 9.68 -2.91 13.34
CA GLY A 278 10.06 -1.96 12.30
C GLY A 278 9.64 -2.40 10.91
N PRO A 279 8.51 -1.86 10.42
CA PRO A 279 8.04 -2.14 9.06
C PRO A 279 8.71 -1.17 8.10
N PHE A 280 9.69 -1.68 7.36
CA PHE A 280 10.50 -0.85 6.49
C PHE A 280 10.40 -1.28 5.02
N VAL A 281 11.01 -0.47 4.16
CA VAL A 281 11.31 -0.85 2.78
C VAL A 281 12.80 -0.58 2.56
N PRO A 282 13.40 -1.13 1.50
CA PRO A 282 14.85 -0.98 1.34
C PRO A 282 15.40 0.46 1.36
N PRO A 283 14.69 1.46 0.75
CA PRO A 283 15.22 2.83 0.86
C PRO A 283 15.43 3.35 2.30
N ILE A 284 14.61 2.90 3.26
CA ILE A 284 14.83 3.25 4.66
C ILE A 284 16.14 2.64 5.16
N VAL A 285 16.38 1.38 4.83
CA VAL A 285 17.61 0.72 5.26
C VAL A 285 18.84 1.33 4.56
N LEU A 286 18.68 1.75 3.32
CA LEU A 286 19.75 2.46 2.62
C LEU A 286 20.11 3.76 3.34
N ALA A 287 19.09 4.52 3.75
CA ALA A 287 19.32 5.73 4.54
C ALA A 287 20.10 5.43 5.82
N ILE A 288 19.75 4.35 6.51
CA ILE A 288 20.47 3.90 7.69
C ILE A 288 21.93 3.60 7.33
N ALA A 289 22.14 2.85 6.25
CA ALA A 289 23.50 2.45 5.85
C ALA A 289 24.39 3.65 5.56
N LYS A 290 23.79 4.73 5.10
CA LYS A 290 24.52 5.92 4.66
C LYS A 290 24.60 7.01 5.72
N SER A 291 24.17 6.69 6.94
CA SER A 291 24.16 7.69 8.02
C SER A 291 25.02 7.25 9.21
N PRO A 292 26.28 7.72 9.30
CA PRO A 292 27.12 7.36 10.45
C PRO A 292 26.53 7.67 11.83
N MET A 293 25.60 8.64 11.91
CA MET A 293 24.97 8.98 13.19
C MET A 293 24.26 7.78 13.85
N VAL A 294 23.91 6.78 13.05
CA VAL A 294 23.16 5.62 13.55
C VAL A 294 23.87 4.96 14.73
N ASP A 295 25.19 4.94 14.72
CA ASP A 295 25.97 4.29 15.77
C ASP A 295 25.87 4.99 17.13
N ASP A 296 25.32 6.19 17.14
CA ASP A 296 25.16 6.96 18.37
C ASP A 296 23.77 6.81 18.99
N TYR A 297 22.93 5.97 18.38
CA TYR A 297 21.58 5.71 18.87
C TYR A 297 21.46 4.25 19.31
N ASP A 298 20.57 4.01 20.26
CA ASP A 298 20.26 2.67 20.72
C ASP A 298 19.00 2.17 20.01
N LEU A 299 19.18 1.18 19.15
CA LEU A 299 18.07 0.56 18.40
C LEU A 299 17.85 -0.88 18.84
N SER A 300 18.35 -1.22 20.03
CA SER A 300 18.28 -2.58 20.55
C SER A 300 16.87 -3.05 20.88
N SER A 301 15.92 -2.12 21.01
CA SER A 301 14.53 -2.48 21.28
C SER A 301 13.85 -3.20 20.11
N VAL A 302 14.37 -3.00 18.89
CA VAL A 302 13.73 -3.57 17.70
C VAL A 302 13.96 -5.09 17.65
N ARG A 303 12.87 -5.84 17.75
CA ARG A 303 12.94 -7.31 17.75
C ARG A 303 12.56 -7.93 16.39
N THR A 304 11.90 -7.14 15.54
CA THR A 304 11.46 -7.60 14.23
C THR A 304 11.62 -6.48 13.22
N VAL A 305 12.37 -6.74 12.16
CA VAL A 305 12.46 -5.82 11.02
C VAL A 305 11.82 -6.52 9.83
N MET A 306 10.72 -5.94 9.35
CA MET A 306 9.99 -6.47 8.21
C MET A 306 10.31 -5.57 7.03
N SER A 307 10.67 -6.18 5.91
CA SER A 307 10.90 -5.41 4.69
C SER A 307 10.09 -6.03 3.56
N GLY A 308 9.70 -5.19 2.61
CA GLY A 308 8.97 -5.64 1.44
C GLY A 308 9.14 -4.65 0.31
N ALA A 309 8.22 -4.73 -0.65
CA ALA A 309 8.17 -3.88 -1.85
C ALA A 309 9.26 -4.15 -2.89
N ALA A 310 10.47 -4.43 -2.43
CA ALA A 310 11.61 -4.63 -3.31
C ALA A 310 12.64 -5.47 -2.57
N PRO A 311 13.56 -6.14 -3.30
CA PRO A 311 14.58 -6.91 -2.60
C PRO A 311 15.53 -6.02 -1.80
N LEU A 312 15.86 -6.44 -0.58
CA LEU A 312 16.81 -5.72 0.26
C LEU A 312 18.23 -5.86 -0.27
N GLY A 313 18.60 -7.09 -0.63
CA GLY A 313 19.97 -7.39 -1.03
C GLY A 313 20.87 -7.62 0.18
N LYS A 314 21.98 -8.30 -0.06
CA LYS A 314 22.90 -8.73 1.02
C LYS A 314 23.46 -7.57 1.85
N GLU A 315 23.86 -6.48 1.18
CA GLU A 315 24.47 -5.35 1.87
C GLU A 315 23.52 -4.70 2.86
N LEU A 316 22.28 -4.50 2.45
CA LEU A 316 21.27 -3.90 3.33
C LEU A 316 20.81 -4.86 4.42
N GLU A 317 20.80 -6.16 4.11
CA GLU A 317 20.62 -7.16 5.15
C GLU A 317 21.69 -7.01 6.24
N ASP A 318 22.95 -6.82 5.81
CA ASP A 318 24.07 -6.64 6.74
C ASP A 318 23.86 -5.42 7.63
N THR A 319 23.34 -4.34 7.04
CA THR A 319 23.05 -3.11 7.78
C THR A 319 22.03 -3.38 8.89
N VAL A 320 20.97 -4.12 8.55
CA VAL A 320 19.95 -4.45 9.55
C VAL A 320 20.56 -5.26 10.70
N ARG A 321 21.35 -6.28 10.38
CA ARG A 321 21.97 -7.13 11.40
C ARG A 321 22.94 -6.36 12.29
N ALA A 322 23.65 -5.41 11.71
CA ALA A 322 24.62 -4.61 12.45
C ALA A 322 23.96 -3.56 13.36
N LYS A 323 22.93 -2.89 12.83
CA LYS A 323 22.36 -1.72 13.52
C LYS A 323 21.16 -2.04 14.38
N PHE A 324 20.49 -3.16 14.08
CA PHE A 324 19.39 -3.66 14.90
C PHE A 324 19.80 -5.03 15.45
N PRO A 325 20.66 -5.04 16.48
CA PRO A 325 21.33 -6.29 16.90
C PRO A 325 20.39 -7.37 17.45
N ASN A 326 19.19 -6.99 17.88
CA ASN A 326 18.23 -7.92 18.46
C ASN A 326 17.07 -8.26 17.53
N ALA A 327 17.14 -7.77 16.29
CA ALA A 327 16.04 -7.96 15.35
C ALA A 327 16.16 -9.21 14.49
N LYS A 328 15.05 -9.94 14.40
CA LYS A 328 14.87 -10.94 13.35
C LYS A 328 14.55 -10.17 12.07
N LEU A 329 15.24 -10.49 10.99
CA LEU A 329 15.01 -9.85 9.70
C LEU A 329 14.32 -10.82 8.74
N GLY A 330 13.30 -10.32 8.05
CA GLY A 330 12.61 -11.11 7.05
C GLY A 330 11.94 -10.23 6.02
N GLN A 331 11.82 -10.75 4.81
CA GLN A 331 11.16 -10.05 3.73
C GLN A 331 9.85 -10.73 3.37
N GLY A 332 8.88 -9.94 2.95
CA GLY A 332 7.56 -10.44 2.59
C GLY A 332 7.13 -9.86 1.25
N TYR A 333 5.96 -10.30 0.78
CA TYR A 333 5.53 -10.00 -0.57
C TYR A 333 4.05 -9.72 -0.59
N GLY A 334 3.70 -8.55 -1.12
CA GLY A 334 2.32 -8.13 -1.25
C GLY A 334 2.05 -7.46 -2.58
N MET A 335 0.77 -7.36 -2.90
CA MET A 335 0.27 -6.66 -4.08
C MET A 335 -1.12 -6.17 -3.70
N THR A 336 -1.41 -4.90 -4.01
CA THR A 336 -2.65 -4.26 -3.56
C THR A 336 -3.88 -5.14 -3.79
N GLU A 337 -4.01 -5.65 -5.02
CA GLU A 337 -5.13 -6.49 -5.43
C GLU A 337 -5.28 -7.78 -4.62
N ALA A 338 -4.19 -8.20 -3.99
CA ALA A 338 -4.16 -9.44 -3.22
C ALA A 338 -4.55 -9.25 -1.76
N GLY A 339 -4.83 -8.01 -1.36
CA GLY A 339 -5.35 -7.77 -0.02
C GLY A 339 -4.60 -7.01 1.06
N PRO A 340 -3.26 -6.84 0.97
CA PRO A 340 -2.29 -7.13 -0.10
C PRO A 340 -1.36 -8.34 0.09
N VAL A 341 -1.34 -8.93 1.28
CA VAL A 341 -0.25 -9.84 1.62
C VAL A 341 -0.41 -11.23 0.97
N LEU A 342 0.58 -11.61 0.15
CA LEU A 342 0.61 -12.96 -0.45
C LEU A 342 1.47 -13.94 0.32
N ALA A 343 2.65 -13.49 0.74
CA ALA A 343 3.63 -14.34 1.41
C ALA A 343 4.27 -13.58 2.55
N MET A 344 4.54 -14.31 3.64
CA MET A 344 5.03 -13.73 4.88
C MET A 344 6.15 -14.56 5.42
N CYS A 345 7.13 -13.87 5.99
CA CYS A 345 8.31 -14.53 6.55
C CYS A 345 7.97 -15.37 7.79
N LEU A 346 8.19 -16.68 7.69
CA LEU A 346 7.87 -17.58 8.80
C LEU A 346 8.87 -17.54 9.96
N ALA A 347 9.97 -16.81 9.79
CA ALA A 347 10.87 -16.53 10.92
C ALA A 347 10.19 -15.65 11.99
N PHE A 348 9.11 -14.98 11.60
CA PHE A 348 8.37 -14.08 12.50
C PHE A 348 7.30 -14.82 13.32
N ALA A 349 7.09 -16.10 13.04
CA ALA A 349 6.06 -16.87 13.73
C ALA A 349 6.38 -17.04 15.21
N LYS A 350 5.35 -17.21 16.03
CA LYS A 350 5.53 -17.40 17.47
C LYS A 350 6.43 -18.61 17.73
N GLU A 351 6.19 -19.67 16.96
CA GLU A 351 7.12 -20.80 16.89
C GLU A 351 7.75 -20.73 15.49
N PRO A 352 8.96 -20.13 15.42
CA PRO A 352 9.49 -19.74 14.12
C PRO A 352 10.01 -20.89 13.26
N PHE A 353 10.00 -20.66 11.95
CA PHE A 353 10.60 -21.56 10.97
C PHE A 353 11.90 -20.95 10.49
N GLU A 354 12.81 -21.80 10.00
CA GLU A 354 14.03 -21.35 9.35
C GLU A 354 13.68 -20.67 8.03
N ILE A 355 14.48 -19.66 7.67
CA ILE A 355 14.33 -18.97 6.39
C ILE A 355 15.67 -18.84 5.66
N LYS A 356 15.59 -18.56 4.35
CA LYS A 356 16.79 -18.30 3.55
C LYS A 356 16.87 -16.82 3.21
N SER A 357 18.10 -16.29 3.19
CA SER A 357 18.33 -14.95 2.67
C SER A 357 17.86 -14.87 1.22
N GLY A 358 17.15 -13.80 0.89
CA GLY A 358 16.66 -13.60 -0.46
C GLY A 358 15.21 -14.00 -0.67
N ALA A 359 14.67 -14.84 0.23
CA ALA A 359 13.28 -15.27 0.14
C ALA A 359 12.32 -14.13 0.48
N CYS A 360 11.09 -14.21 -0.01
CA CYS A 360 10.09 -13.21 0.35
C CYS A 360 8.89 -13.83 1.07
N GLY A 361 9.15 -14.94 1.77
CA GLY A 361 8.17 -15.53 2.65
C GLY A 361 7.54 -16.81 2.15
N THR A 362 6.55 -17.28 2.89
CA THR A 362 5.74 -18.43 2.52
C THR A 362 4.31 -17.95 2.30
N VAL A 363 3.64 -18.50 1.30
CA VAL A 363 2.24 -18.16 1.04
C VAL A 363 1.45 -18.21 2.34
N VAL A 364 0.60 -17.22 2.56
CA VAL A 364 -0.21 -17.12 3.76
C VAL A 364 -1.12 -18.35 3.93
N ARG A 365 -1.44 -18.66 5.18
CA ARG A 365 -2.40 -19.71 5.51
C ARG A 365 -3.79 -19.34 4.96
N ASN A 366 -4.69 -20.33 4.91
CA ASN A 366 -6.05 -20.10 4.40
C ASN A 366 -6.03 -19.49 3.00
N ALA A 367 -5.12 -20.01 2.16
CA ALA A 367 -4.95 -19.53 0.79
C ALA A 367 -4.27 -20.61 -0.05
N GLU A 368 -4.28 -20.41 -1.37
CA GLU A 368 -3.61 -21.32 -2.29
C GLU A 368 -2.78 -20.51 -3.24
N MET A 369 -1.59 -21.03 -3.58
CA MET A 369 -0.74 -20.38 -4.56
C MET A 369 -0.38 -21.37 -5.67
N LYS A 370 -0.30 -20.88 -6.90
CA LYS A 370 0.28 -21.65 -7.99
C LYS A 370 1.19 -20.80 -8.86
N ILE A 371 2.07 -21.47 -9.60
CA ILE A 371 3.07 -20.82 -10.43
C ILE A 371 2.79 -21.24 -11.87
N VAL A 372 2.47 -20.28 -12.72
CA VAL A 372 1.94 -20.59 -14.06
C VAL A 372 2.87 -20.13 -15.17
N ASP A 373 3.26 -21.08 -16.03
CA ASP A 373 4.08 -20.79 -17.19
C ASP A 373 3.32 -19.89 -18.16
N PRO A 374 3.83 -18.66 -18.41
CA PRO A 374 3.16 -17.71 -19.30
C PRO A 374 3.00 -18.22 -20.74
N LYS A 375 3.90 -19.11 -21.16
CA LYS A 375 3.90 -19.68 -22.51
C LYS A 375 2.78 -20.69 -22.73
N THR A 376 2.47 -21.48 -21.70
CA THR A 376 1.56 -22.63 -21.84
C THR A 376 0.27 -22.52 -21.03
N GLY A 377 0.33 -21.81 -19.90
CA GLY A 377 -0.81 -21.73 -18.98
C GLY A 377 -0.80 -22.85 -17.95
N ASN A 378 0.19 -23.73 -18.05
CA ASN A 378 0.34 -24.86 -17.14
C ASN A 378 0.98 -24.47 -15.81
N SER A 379 0.52 -25.08 -14.73
CA SER A 379 1.13 -24.87 -13.42
C SER A 379 2.47 -25.60 -13.35
N LEU A 380 3.35 -25.09 -12.50
CA LEU A 380 4.74 -25.54 -12.46
C LEU A 380 5.13 -26.13 -11.11
N PRO A 381 6.11 -27.06 -11.11
CA PRO A 381 6.58 -27.66 -9.86
C PRO A 381 7.58 -26.76 -9.12
N ARG A 382 8.11 -27.25 -8.01
CA ARG A 382 9.09 -26.49 -7.22
C ARG A 382 10.31 -26.09 -8.05
N ASN A 383 10.89 -24.94 -7.70
CA ASN A 383 12.13 -24.43 -8.32
C ASN A 383 12.02 -24.00 -9.79
N GLN A 384 10.79 -23.97 -10.31
CA GLN A 384 10.56 -23.49 -11.66
C GLN A 384 9.78 -22.19 -11.63
N SER A 385 10.34 -21.17 -12.28
CA SER A 385 9.79 -19.82 -12.27
C SER A 385 8.65 -19.66 -13.24
N GLY A 386 7.64 -18.90 -12.83
CA GLY A 386 6.50 -18.58 -13.68
C GLY A 386 5.67 -17.53 -12.99
N GLU A 387 4.47 -17.29 -13.51
CA GLU A 387 3.63 -16.24 -12.96
C GLU A 387 2.98 -16.68 -11.65
N ILE A 388 3.20 -15.88 -10.61
CA ILE A 388 2.64 -16.15 -9.30
C ILE A 388 1.14 -15.86 -9.30
N CYS A 389 0.36 -16.85 -8.86
CA CYS A 389 -1.08 -16.71 -8.74
C CYS A 389 -1.53 -17.08 -7.33
N ILE A 390 -2.55 -16.39 -6.83
CA ILE A 390 -3.05 -16.66 -5.48
C ILE A 390 -4.58 -16.67 -5.49
N ARG A 391 -5.14 -17.50 -4.61
CA ARG A 391 -6.59 -17.64 -4.45
C ARG A 391 -6.91 -17.66 -2.97
N GLY A 392 -7.98 -16.96 -2.57
CA GLY A 392 -8.39 -16.92 -1.18
C GLY A 392 -9.33 -15.75 -0.91
N ASP A 393 -9.98 -15.78 0.25
CA ASP A 393 -10.96 -14.75 0.64
C ASP A 393 -10.35 -13.37 0.90
N GLN A 394 -9.03 -13.31 0.99
CA GLN A 394 -8.34 -12.06 1.30
C GLN A 394 -8.17 -11.13 0.09
N ILE A 395 -8.35 -11.65 -1.12
CA ILE A 395 -8.09 -10.83 -2.31
C ILE A 395 -9.22 -9.84 -2.58
N MET A 396 -8.98 -8.88 -3.47
CA MET A 396 -9.98 -7.87 -3.78
C MET A 396 -11.27 -8.48 -4.32
N LYS A 397 -12.38 -7.76 -4.08
CA LYS A 397 -13.66 -8.06 -4.70
C LYS A 397 -13.56 -7.87 -6.21
N GLY A 398 -12.75 -6.90 -6.62
CA GLY A 398 -12.54 -6.57 -8.03
C GLY A 398 -12.17 -5.10 -8.16
N TYR A 399 -12.01 -4.63 -9.39
CA TYR A 399 -11.76 -3.22 -9.65
C TYR A 399 -13.10 -2.49 -9.73
N LEU A 400 -13.17 -1.35 -9.05
CA LEU A 400 -14.40 -0.54 -9.05
C LEU A 400 -14.78 -0.13 -10.46
N ASN A 401 -16.02 -0.43 -10.85
CA ASN A 401 -16.55 0.01 -12.15
C ASN A 401 -15.68 -0.42 -13.32
N ASP A 402 -15.06 -1.58 -13.21
CA ASP A 402 -14.18 -2.06 -14.27
C ASP A 402 -14.24 -3.58 -14.37
N PRO A 403 -15.37 -4.11 -14.84
CA PRO A 403 -15.52 -5.55 -14.94
C PRO A 403 -14.53 -6.19 -15.90
N GLU A 404 -14.13 -5.46 -16.95
CA GLU A 404 -13.20 -6.00 -17.95
C GLU A 404 -11.84 -6.25 -17.32
N ALA A 405 -11.31 -5.24 -16.62
CA ALA A 405 -10.02 -5.37 -15.97
C ALA A 405 -10.06 -6.44 -14.87
N THR A 406 -11.19 -6.52 -14.18
CA THR A 406 -11.39 -7.52 -13.12
C THR A 406 -11.30 -8.94 -13.70
N ALA A 407 -12.01 -9.17 -14.80
CA ALA A 407 -12.07 -10.49 -15.43
C ALA A 407 -10.73 -10.91 -16.03
N ARG A 408 -9.93 -9.93 -16.44
CA ARG A 408 -8.59 -10.17 -16.96
C ARG A 408 -7.58 -10.49 -15.86
N THR A 409 -7.90 -10.08 -14.64
CA THR A 409 -6.95 -10.11 -13.51
C THR A 409 -7.24 -11.27 -12.54
N ILE A 410 -8.51 -11.54 -12.29
CA ILE A 410 -8.93 -12.68 -11.46
C ILE A 410 -9.77 -13.60 -12.34
N ASP A 411 -9.32 -14.83 -12.51
CA ASP A 411 -10.01 -15.76 -13.40
C ASP A 411 -11.28 -16.37 -12.78
N LYS A 412 -11.98 -17.18 -13.57
CA LYS A 412 -13.27 -17.74 -13.15
C LYS A 412 -13.16 -18.73 -11.99
N GLU A 413 -11.93 -19.21 -11.75
CA GLU A 413 -11.67 -20.14 -10.65
C GLU A 413 -11.19 -19.42 -9.39
N GLY A 414 -11.13 -18.09 -9.46
CA GLY A 414 -10.74 -17.26 -8.32
C GLY A 414 -9.26 -16.95 -8.20
N TRP A 415 -8.48 -17.30 -9.22
CA TRP A 415 -7.04 -17.04 -9.21
C TRP A 415 -6.70 -15.63 -9.63
N LEU A 416 -6.00 -14.91 -8.76
CA LEU A 416 -5.42 -13.62 -9.08
C LEU A 416 -4.08 -13.86 -9.76
N TYR A 417 -3.95 -13.33 -10.98
CA TYR A 417 -2.71 -13.38 -11.74
C TYR A 417 -1.91 -12.10 -11.49
N THR A 418 -0.80 -12.23 -10.77
CA THR A 418 -0.08 -11.06 -10.25
C THR A 418 0.78 -10.30 -11.26
N GLY A 419 1.16 -10.95 -12.35
CA GLY A 419 2.15 -10.37 -13.28
C GLY A 419 3.57 -10.40 -12.75
N ASP A 420 3.79 -11.11 -11.64
CA ASP A 420 5.12 -11.30 -11.05
C ASP A 420 5.62 -12.69 -11.38
N ILE A 421 6.92 -12.81 -11.60
CA ILE A 421 7.54 -14.09 -11.89
C ILE A 421 8.37 -14.54 -10.69
N GLY A 422 8.14 -15.77 -10.24
CA GLY A 422 8.89 -16.33 -9.14
C GLY A 422 8.72 -17.84 -9.05
N TYR A 423 9.35 -18.41 -8.04
CA TYR A 423 9.31 -19.86 -7.82
C TYR A 423 9.22 -20.15 -6.32
N ILE A 424 8.72 -21.33 -5.98
CA ILE A 424 8.71 -21.80 -4.60
C ILE A 424 9.72 -22.93 -4.51
N ASP A 425 10.56 -22.90 -3.49
CA ASP A 425 11.63 -23.89 -3.36
C ASP A 425 11.19 -25.11 -2.55
N ASP A 426 12.13 -25.99 -2.22
CA ASP A 426 11.80 -27.24 -1.54
C ASP A 426 11.34 -27.03 -0.09
N ASP A 427 11.57 -25.84 0.45
CA ASP A 427 11.19 -25.50 1.82
C ASP A 427 9.98 -24.59 1.88
N ASP A 428 9.25 -24.52 0.77
CA ASP A 428 8.05 -23.68 0.66
C ASP A 428 8.35 -22.20 0.87
N GLU A 429 9.54 -21.78 0.46
CA GLU A 429 9.89 -20.37 0.46
C GLU A 429 9.80 -19.80 -0.95
N LEU A 430 9.17 -18.63 -1.06
CA LEU A 430 8.94 -17.99 -2.34
C LEU A 430 10.05 -17.01 -2.67
N PHE A 431 10.45 -16.99 -3.95
CA PHE A 431 11.44 -16.05 -4.45
C PHE A 431 10.90 -15.32 -5.67
N ILE A 432 10.98 -14.00 -5.65
CA ILE A 432 10.62 -13.19 -6.81
C ILE A 432 11.86 -12.99 -7.67
N VAL A 433 11.72 -13.26 -8.96
CA VAL A 433 12.87 -13.19 -9.87
C VAL A 433 12.71 -12.22 -11.04
N ASP A 434 11.47 -11.92 -11.42
CA ASP A 434 11.23 -11.05 -12.56
C ASP A 434 9.82 -10.45 -12.48
N ARG A 435 9.54 -9.51 -13.36
CA ARG A 435 8.22 -8.92 -13.47
C ARG A 435 7.76 -9.00 -14.91
N LEU A 436 6.62 -9.63 -15.11
CA LEU A 436 6.02 -9.74 -16.43
C LEU A 436 5.29 -8.44 -16.78
N LYS A 437 4.54 -7.90 -15.82
CA LYS A 437 3.76 -6.68 -16.02
C LYS A 437 4.62 -5.44 -16.18
N GLU A 438 4.02 -4.41 -16.77
CA GLU A 438 4.71 -3.15 -17.13
C GLU A 438 5.03 -2.21 -15.95
N LEU A 439 4.44 -2.48 -14.80
CA LEU A 439 4.60 -1.65 -13.59
C LEU A 439 6.04 -1.25 -13.29
N ILE A 440 6.21 0.00 -12.88
CA ILE A 440 7.48 0.52 -12.38
C ILE A 440 7.29 0.85 -10.90
N LYS A 441 8.30 0.57 -10.07
CA LYS A 441 8.22 0.86 -8.64
C LYS A 441 9.36 1.77 -8.19
N TYR A 442 9.02 2.99 -7.79
CA TYR A 442 9.98 3.97 -7.29
C TYR A 442 9.84 4.06 -5.77
N LYS A 443 10.86 3.58 -5.06
CA LYS A 443 10.85 3.50 -3.59
C LYS A 443 9.53 2.93 -3.05
N GLY A 444 8.97 1.95 -3.74
CA GLY A 444 7.73 1.32 -3.32
C GLY A 444 6.46 1.98 -3.84
N PHE A 445 6.62 3.10 -4.53
CA PHE A 445 5.50 3.80 -5.15
C PHE A 445 5.26 3.31 -6.58
N GLN A 446 4.00 3.05 -6.91
CA GLN A 446 3.63 2.65 -8.27
C GLN A 446 3.80 3.76 -9.29
N VAL A 447 4.46 3.43 -10.40
CA VAL A 447 4.46 4.30 -11.57
C VAL A 447 3.86 3.50 -12.71
N ALA A 448 2.70 3.95 -13.21
CA ALA A 448 2.03 3.30 -14.33
C ALA A 448 2.55 3.88 -15.64
N PRO A 449 3.34 3.09 -16.40
CA PRO A 449 3.85 3.63 -17.67
C PRO A 449 2.75 4.05 -18.64
N ALA A 450 1.60 3.38 -18.62
CA ALA A 450 0.48 3.76 -19.49
C ALA A 450 0.02 5.19 -19.23
N GLU A 451 0.09 5.64 -17.97
CA GLU A 451 -0.24 7.02 -17.63
C GLU A 451 0.77 7.98 -18.23
N LEU A 452 2.06 7.67 -18.05
CA LEU A 452 3.13 8.51 -18.58
C LEU A 452 3.17 8.51 -20.10
N GLU A 453 2.92 7.33 -20.70
CA GLU A 453 2.91 7.20 -22.16
C GLU A 453 1.81 8.06 -22.78
N ALA A 454 0.64 8.07 -22.13
CA ALA A 454 -0.49 8.90 -22.54
C ALA A 454 -0.22 10.40 -22.40
N LEU A 455 0.47 10.79 -21.33
CA LEU A 455 0.87 12.19 -21.14
C LEU A 455 1.91 12.62 -22.17
N LEU A 456 2.82 11.71 -22.50
CA LEU A 456 3.85 11.94 -23.52
C LEU A 456 3.26 12.10 -24.91
N LEU A 457 2.29 11.27 -25.26
CA LEU A 457 1.62 11.33 -26.57
C LEU A 457 0.79 12.60 -26.76
N ASN A 458 0.42 13.25 -25.66
CA ASN A 458 -0.28 14.53 -25.68
C ASN A 458 0.54 15.66 -26.31
N HIS A 459 1.87 15.52 -26.25
CA HIS A 459 2.78 16.50 -26.80
C HIS A 459 2.76 16.46 -28.34
N PRO A 460 2.60 17.63 -28.99
CA PRO A 460 2.57 17.72 -30.45
C PRO A 460 3.85 17.24 -31.13
N ASN A 461 4.98 17.30 -30.42
CA ASN A 461 6.28 16.90 -30.96
C ASN A 461 6.68 15.44 -30.69
N ILE A 462 5.81 14.70 -30.00
CA ILE A 462 6.05 13.29 -29.72
C ILE A 462 5.09 12.40 -30.51
N SER A 463 5.65 11.49 -31.29
CA SER A 463 4.87 10.59 -32.15
C SER A 463 4.55 9.27 -31.45
N ASP A 464 5.56 8.69 -30.81
CA ASP A 464 5.41 7.42 -30.10
C ASP A 464 6.28 7.39 -28.84
N ALA A 465 5.85 6.61 -27.84
CA ALA A 465 6.54 6.57 -26.54
C ALA A 465 6.39 5.23 -25.83
N ALA A 466 7.43 4.88 -25.07
CA ALA A 466 7.42 3.68 -24.23
C ALA A 466 8.18 3.96 -22.94
N VAL A 467 7.52 3.75 -21.81
CA VAL A 467 8.12 4.03 -20.50
C VAL A 467 8.41 2.70 -19.80
N VAL A 468 9.67 2.51 -19.42
CA VAL A 468 10.13 1.26 -18.78
C VAL A 468 10.99 1.56 -17.55
N PRO A 469 11.11 0.59 -16.62
CA PRO A 469 11.96 0.82 -15.47
C PRO A 469 13.44 0.70 -15.83
N MET A 470 14.26 1.56 -15.20
CA MET A 470 15.71 1.42 -15.23
C MET A 470 16.16 1.19 -13.80
N LYS A 471 17.02 0.19 -13.60
CA LYS A 471 17.53 -0.12 -12.26
C LYS A 471 18.22 1.10 -11.67
N ASP A 472 17.98 1.32 -10.37
CA ASP A 472 18.49 2.49 -9.67
C ASP A 472 18.78 2.11 -8.21
N GLU A 473 19.96 2.46 -7.72
CA GLU A 473 20.35 2.11 -6.34
C GLU A 473 19.48 2.81 -5.30
N GLN A 474 19.25 4.10 -5.48
CA GLN A 474 18.53 4.88 -4.48
C GLN A 474 17.02 4.59 -4.45
N ALA A 475 16.44 4.37 -5.62
CA ALA A 475 14.98 4.23 -5.73
C ALA A 475 14.49 2.84 -6.10
N GLY A 476 15.42 1.92 -6.36
CA GLY A 476 15.08 0.59 -6.88
C GLY A 476 14.93 0.62 -8.38
N GLU A 477 13.93 1.36 -8.85
CA GLU A 477 13.66 1.57 -10.26
C GLU A 477 13.29 3.04 -10.49
N VAL A 478 13.69 3.58 -11.63
CA VAL A 478 13.24 4.91 -12.05
C VAL A 478 12.62 4.82 -13.45
N PRO A 479 11.61 5.68 -13.74
CA PRO A 479 11.02 5.64 -15.07
C PRO A 479 11.94 6.27 -16.12
N VAL A 480 12.16 5.55 -17.22
CA VAL A 480 12.82 6.12 -18.39
C VAL A 480 11.94 5.97 -19.62
N ALA A 481 12.08 6.90 -20.57
CA ALA A 481 11.24 6.92 -21.76
C ALA A 481 12.02 6.74 -23.05
N PHE A 482 11.54 5.84 -23.90
CA PHE A 482 11.99 5.74 -25.29
C PHE A 482 10.99 6.51 -26.13
N VAL A 483 11.45 7.56 -26.81
CA VAL A 483 10.55 8.51 -27.46
C VAL A 483 10.84 8.65 -28.96
N VAL A 484 9.80 8.57 -29.77
CA VAL A 484 9.89 8.82 -31.22
C VAL A 484 9.38 10.24 -31.51
N ARG A 485 10.24 11.06 -32.11
CA ARG A 485 9.91 12.44 -32.43
C ARG A 485 8.94 12.57 -33.61
N SER A 486 8.16 13.64 -33.60
CA SER A 486 7.32 13.99 -34.75
C SER A 486 8.19 14.57 -35.87
N ASN A 487 7.67 14.55 -37.09
CA ASN A 487 8.39 15.08 -38.25
C ASN A 487 8.68 16.57 -38.12
N GLY A 488 9.96 16.93 -38.27
CA GLY A 488 10.41 18.31 -38.17
C GLY A 488 10.40 18.84 -36.75
N SER A 489 10.91 18.05 -35.82
CA SER A 489 10.97 18.43 -34.40
C SER A 489 12.39 18.30 -33.85
N THR A 490 12.80 19.29 -33.06
CA THR A 490 14.11 19.28 -32.40
C THR A 490 13.96 19.34 -30.88
N ILE A 491 12.92 18.68 -30.37
CA ILE A 491 12.65 18.60 -28.92
C ILE A 491 13.81 17.90 -28.20
N THR A 492 14.21 18.47 -27.06
CA THR A 492 15.35 17.95 -26.29
C THR A 492 14.90 17.01 -25.18
N GLU A 493 15.87 16.30 -24.59
CA GLU A 493 15.64 15.41 -23.45
C GLU A 493 15.03 16.19 -22.27
N ASP A 494 15.62 17.34 -21.95
CA ASP A 494 15.17 18.19 -20.86
C ASP A 494 13.77 18.75 -21.08
N GLU A 495 13.43 19.03 -22.34
CA GLU A 495 12.12 19.55 -22.70
C GLU A 495 11.03 18.51 -22.43
N VAL A 496 11.30 17.26 -22.81
CA VAL A 496 10.39 16.14 -22.57
C VAL A 496 10.16 15.94 -21.06
N LYS A 497 11.24 15.99 -20.29
CA LYS A 497 11.18 15.80 -18.83
C LYS A 497 10.39 16.89 -18.12
N ASP A 498 10.68 18.14 -18.45
CA ASP A 498 10.02 19.30 -17.82
C ASP A 498 8.52 19.33 -18.10
N PHE A 499 8.14 18.89 -19.30
CA PHE A 499 6.73 18.79 -19.70
C PHE A 499 5.97 17.81 -18.81
N ILE A 500 6.62 16.69 -18.49
CA ILE A 500 6.04 15.67 -17.61
C ILE A 500 6.07 16.11 -16.15
N SER A 501 7.23 16.63 -15.71
CA SER A 501 7.44 17.00 -14.31
C SER A 501 6.42 18.00 -13.75
N LYS A 502 5.92 18.89 -14.60
CA LYS A 502 4.92 19.88 -14.19
C LYS A 502 3.55 19.27 -13.90
N GLN A 503 3.34 18.04 -14.38
CA GLN A 503 2.02 17.40 -14.34
C GLN A 503 1.89 16.28 -13.30
N VAL A 504 3.02 15.72 -12.88
CA VAL A 504 3.01 14.50 -12.06
C VAL A 504 3.61 14.69 -10.67
N ILE A 505 3.25 13.79 -9.75
CA ILE A 505 3.88 13.70 -8.43
C ILE A 505 5.36 13.33 -8.62
N PHE A 506 6.21 13.72 -7.67
CA PHE A 506 7.67 13.55 -7.79
C PHE A 506 8.15 12.19 -8.31
N TYR A 507 7.54 11.11 -7.82
CA TYR A 507 8.06 9.78 -8.13
C TYR A 507 7.80 9.28 -9.56
N LYS A 508 6.93 9.99 -10.28
CA LYS A 508 6.59 9.63 -11.65
C LYS A 508 7.47 10.34 -12.68
N ARG A 509 8.37 11.20 -12.21
CA ARG A 509 9.27 11.93 -13.10
C ARG A 509 10.10 10.99 -13.96
N ILE A 510 10.27 11.35 -15.23
CA ILE A 510 11.09 10.58 -16.15
C ILE A 510 12.54 11.05 -16.01
N LYS A 511 13.44 10.09 -15.78
CA LYS A 511 14.83 10.42 -15.44
C LYS A 511 15.78 10.40 -16.64
N ARG A 512 15.45 9.60 -17.65
CA ARG A 512 16.19 9.62 -18.92
C ARG A 512 15.20 9.51 -20.07
N VAL A 513 15.50 10.20 -21.18
CA VAL A 513 14.76 9.96 -22.42
C VAL A 513 15.72 9.53 -23.52
N PHE A 514 15.35 8.48 -24.24
CA PHE A 514 16.16 7.95 -25.34
C PHE A 514 15.39 8.08 -26.64
N PHE A 515 15.87 8.95 -27.52
CA PHE A 515 15.23 9.18 -28.81
C PHE A 515 15.55 8.08 -29.80
N VAL A 516 14.50 7.48 -30.37
CA VAL A 516 14.62 6.36 -31.29
C VAL A 516 13.72 6.55 -32.52
N ASP A 517 14.05 5.85 -33.60
CA ASP A 517 13.27 5.91 -34.83
C ASP A 517 11.90 5.22 -34.67
N ALA A 518 11.90 4.07 -34.00
CA ALA A 518 10.67 3.30 -33.78
C ALA A 518 10.69 2.59 -32.43
N ILE A 519 9.49 2.36 -31.89
CA ILE A 519 9.32 1.59 -30.66
C ILE A 519 9.14 0.11 -31.03
N PRO A 520 9.97 -0.78 -30.46
CA PRO A 520 9.87 -2.22 -30.72
C PRO A 520 8.51 -2.77 -30.32
N LYS A 521 7.79 -3.35 -31.28
CA LYS A 521 6.44 -3.86 -31.05
C LYS A 521 6.22 -5.25 -31.63
N SER A 522 5.30 -5.99 -31.04
CA SER A 522 4.85 -7.28 -31.56
C SER A 522 3.95 -7.06 -32.78
N PRO A 523 3.81 -8.08 -33.66
CA PRO A 523 2.92 -8.00 -34.81
C PRO A 523 1.49 -7.55 -34.47
N SER A 524 1.02 -7.87 -33.26
CA SER A 524 -0.30 -7.46 -32.79
C SER A 524 -0.38 -5.96 -32.51
N GLY A 525 0.75 -5.37 -32.14
CA GLY A 525 0.82 -3.92 -31.88
C GLY A 525 0.94 -3.57 -30.41
N LYS A 526 1.84 -4.27 -29.71
CA LYS A 526 2.09 -4.01 -28.29
C LYS A 526 3.59 -3.88 -28.01
N ILE A 527 3.92 -2.95 -27.12
CA ILE A 527 5.31 -2.61 -26.79
C ILE A 527 6.11 -3.82 -26.30
N LEU A 528 7.25 -4.06 -26.95
CA LEU A 528 8.18 -5.10 -26.50
C LEU A 528 9.05 -4.55 -25.37
N ARG A 529 8.46 -4.50 -24.18
CA ARG A 529 9.07 -3.87 -23.00
C ARG A 529 10.30 -4.62 -22.48
N LYS A 530 10.28 -5.95 -22.62
CA LYS A 530 11.40 -6.80 -22.19
C LYS A 530 12.66 -6.48 -23.01
N ASP A 531 12.46 -6.24 -24.31
CA ASP A 531 13.55 -5.87 -25.21
C ASP A 531 14.18 -4.53 -24.83
N LEU A 532 13.35 -3.58 -24.43
CA LEU A 532 13.83 -2.25 -24.01
C LEU A 532 14.58 -2.32 -22.68
N ARG A 533 14.09 -3.15 -21.77
CA ARG A 533 14.76 -3.37 -20.49
C ARG A 533 16.14 -4.03 -20.70
N ALA A 534 16.21 -4.96 -21.67
CA ALA A 534 17.46 -5.61 -22.04
C ALA A 534 18.49 -4.62 -22.59
N LYS A 535 18.03 -3.64 -23.35
CA LYS A 535 18.87 -2.57 -23.89
C LYS A 535 19.53 -1.75 -22.78
N LEU A 536 18.76 -1.48 -21.72
CA LEU A 536 19.25 -0.70 -20.58
C LEU A 536 20.24 -1.51 -19.75
N1A COA B . 5.52 19.62 -2.21
C2A COA B . 5.91 18.88 -3.26
N3A COA B . 6.73 17.82 -3.09
C4A COA B . 7.17 17.47 -1.85
C5A COA B . 6.76 18.23 -0.75
C6A COA B . 5.92 19.31 -0.96
N6A COA B . 5.52 20.06 0.10
N7A COA B . 7.33 17.68 0.34
C8A COA B . 8.07 16.62 -0.07
N9A COA B . 7.96 16.50 -1.40
C1B COA B . 8.61 15.46 -2.25
C2B COA B . 9.99 15.97 -2.64
O2B COA B . 10.21 15.77 -4.04
C3B COA B . 10.91 15.09 -1.80
O3B COA B . 12.20 14.93 -2.37
P3B COA B . 13.45 15.65 -1.65
O7A COA B . 13.31 15.35 -0.18
O8A COA B . 14.64 14.97 -2.29
O9A COA B . 13.26 17.10 -2.02
C4B COA B . 10.15 13.79 -1.72
O4B COA B . 8.80 14.24 -1.52
C5B COA B . 10.63 12.90 -0.58
O5B COA B . 9.88 11.69 -0.65
P1A COA B . 10.60 10.24 -0.80
O1A COA B . 11.44 10.19 -2.05
O2A COA B . 9.51 9.23 -0.61
O3A COA B . 11.66 10.20 0.43
P2A COA B . 11.38 10.28 2.01
O4A COA B . 12.75 10.39 2.64
O5A COA B . 10.30 11.28 2.36
O6A COA B . 10.78 8.81 2.33
CBP COA B . 10.71 6.38 2.29
CCP COA B . 11.29 7.65 1.68
CDP COA B . 11.00 5.04 1.66
CEP COA B . 9.91 6.50 3.59
CAP COA B . 9.41 6.55 1.41
OAP COA B . 9.71 6.67 -0.01
C9P COA B . 8.30 5.52 1.56
O9P COA B . 7.47 5.63 2.45
N8P COA B . 8.24 4.52 0.68
C7P COA B . 7.30 3.41 0.65
C6P COA B . 6.01 3.92 0.04
C5P COA B . 4.95 2.86 0.23
O5P COA B . 4.60 2.49 1.34
N4P COA B . 4.45 2.41 -0.91
C3P COA B . 3.43 1.40 -1.17
C2P COA B . 3.78 0.14 -0.42
S1P COA B . 5.41 -0.45 -0.95
P AMP C . 1.79 -2.55 -4.82
O1P AMP C . 2.16 -2.95 -3.42
O2P AMP C . 1.99 -1.10 -5.14
O3P AMP C . 0.46 -3.11 -5.25
O5' AMP C . 2.88 -3.31 -5.74
C5' AMP C . 2.99 -4.72 -5.64
C4' AMP C . 4.11 -5.17 -6.54
O4' AMP C . 5.37 -4.78 -6.00
C3' AMP C . 4.19 -6.68 -6.63
O3' AMP C . 3.24 -7.21 -7.56
C2' AMP C . 5.63 -6.89 -7.06
O2' AMP C . 5.82 -6.53 -8.43
C1' AMP C . 6.33 -5.82 -6.23
N9 AMP C . 6.81 -6.39 -4.93
C8 AMP C . 6.14 -6.42 -3.75
N7 AMP C . 6.92 -7.02 -2.82
C5 AMP C . 8.08 -7.36 -3.41
C6 AMP C . 9.24 -7.99 -2.98
N6 AMP C . 9.39 -8.40 -1.69
N1 AMP C . 10.24 -8.18 -3.86
C2 AMP C . 10.13 -7.78 -5.14
N3 AMP C . 9.02 -7.18 -5.59
C4 AMP C . 8.00 -6.95 -4.74
C1 GOL D . -31.35 6.41 3.62
O1 GOL D . -32.78 6.33 3.53
C2 GOL D . -30.77 5.05 3.27
O2 GOL D . -31.03 4.67 1.91
C3 GOL D . -29.28 5.02 3.53
O3 GOL D . -29.04 3.75 4.16
C1 GOL E . 12.90 -10.47 -1.74
O1 GOL E . 12.10 -9.49 -1.05
C2 GOL E . 12.38 -10.69 -3.16
O2 GOL E . 12.58 -9.52 -3.93
C3 GOL E . 13.13 -11.84 -3.82
O3 GOL E . 12.60 -13.07 -3.30
C1 GOL F . 26.65 5.17 -10.29
O1 GOL F . 26.79 5.84 -9.03
C2 GOL F . 26.81 3.67 -10.07
O2 GOL F . 25.73 3.19 -9.27
C3 GOL F . 26.79 2.97 -11.42
O3 GOL F . 27.27 1.63 -11.26
C1 GOL G . -14.96 -10.53 -1.20
O1 GOL G . -15.48 -10.00 0.02
C2 GOL G . -13.56 -11.07 -0.94
O2 GOL G . -13.62 -12.16 0.00
C3 GOL G . -13.02 -11.54 -2.28
O3 GOL G . -11.77 -12.20 -2.05
#